data_9MNN
#
_entry.id   9MNN
#
_cell.length_a   175.226
_cell.length_b   175.226
_cell.length_c   100.228
_cell.angle_alpha   90.000
_cell.angle_beta   90.000
_cell.angle_gamma   120.000
#
_symmetry.space_group_name_H-M   'P 64 2 2'
#
loop_
_entity.id
_entity.type
_entity.pdbx_description
1 polymer '2-succinyl-5-enolpyruvyl-6-hydroxy-3-cyclohexene-1-carboxylate synthase'
2 non-polymer '(4S)-4-{3-[(4-amino-2-methylpyrimidin-5-yl)methyl]-5-(2-{[(S)-hydroxy(phosphonooxy)phosphoryl]oxy}ethyl)-4-methyl-1,3lambda~5~-thiazol-2-yl}-4-hydroxybutanoic acid'
3 non-polymer 'MAGNESIUM ION'
4 water water
#
_entity_poly.entity_id   1
_entity_poly.type   'polypeptide(L)'
_entity_poly.pdbx_seq_one_letter_code
;GAMVTNHEQVLTDYLAAFIEELVQAGVKEAIISPGSRSTPLALMMAEHPILKIYVDVDERSAGFFALGLAKASKRPVVLL
CTSGTAAANYFPAVAEANLSQIPLIVLTADRPHELRNVGAPQAMDQLHLYGSHVKDFTDMALPENSEEMLRYAKWHGSRA
VDIAMKTPRGPVHLNFPLREPLVPILEPSPFTATGKKHHHVHIYYTHEVLDDSSIQKMVTECTGKKGVFVVGPIDKKELE
QPMVDLAKKLGWPILADPLSGLRSYGALDEVVIDQYDAFLKEAEILDKLTPEVVIRFGSMPVSKPLKNWLEQLSDIRFYV
VDPGAAWKDPIKAVTDMIHCDERFLLDIMQQNMPDDAKDAAWLSRWTSYNKVAREIVLAEMANTTILEEGKIVAELRRLL
PDKAGLFIGNSMPIRDVDTYFSQIDKKIKMLANRGANGIDGVVSSALGASVVFQPMFLLIGDLSFYHDMNGLLMAKKYKM
NLTIVIVNNDGGGIFSFLPQANEPKYFESLFGTSTELDFRFAAAFYDADYHEAKSVDELEEAIDKASYHKGLDIIEVKTN
RHENKANHQALWAKIADALKALN
;
_entity_poly.pdbx_strand_id   A
#
loop_
_chem_comp.id
_chem_comp.type
_chem_comp.name
_chem_comp.formula
MG non-polymer 'MAGNESIUM ION' 'Mg 2'
TD6 non-polymer '(4S)-4-{3-[(4-amino-2-methylpyrimidin-5-yl)methyl]-5-(2-{[(S)-hydroxy(phosphonooxy)phosphoryl]oxy}ethyl)-4-methyl-1,3lambda~5~-thiazol-2-yl}-4-hydroxybutanoic acid' 'C16 H25 N4 O10 P2 S 1'
#
# COMPACT_ATOMS: atom_id res chain seq x y z
N THR A 5 18.39 36.25 -22.33
CA THR A 5 18.02 36.00 -23.72
C THR A 5 18.35 34.57 -24.07
N ASN A 6 19.50 34.11 -23.57
CA ASN A 6 19.92 32.72 -23.78
C ASN A 6 18.83 31.75 -23.38
N HIS A 7 18.42 30.92 -24.33
CA HIS A 7 17.41 29.91 -24.04
C HIS A 7 17.87 28.99 -22.91
N GLU A 8 19.17 28.70 -22.82
CA GLU A 8 19.67 27.88 -21.73
C GLU A 8 19.46 28.56 -20.39
N GLN A 9 19.71 29.87 -20.33
CA GLN A 9 19.49 30.60 -19.09
C GLN A 9 18.00 30.66 -18.74
N VAL A 10 17.15 30.92 -19.74
CA VAL A 10 15.70 30.91 -19.55
C VAL A 10 15.23 29.52 -19.11
N LEU A 11 15.79 28.46 -19.71
CA LEU A 11 15.45 27.11 -19.29
C LEU A 11 15.86 26.86 -17.83
N THR A 12 17.02 27.35 -17.45
CA THR A 12 17.52 27.15 -16.08
C THR A 12 16.63 27.87 -15.06
N ASP A 13 16.33 29.16 -15.30
CA ASP A 13 15.55 29.94 -14.33
C ASP A 13 14.18 29.34 -14.10
N TYR A 14 13.50 28.99 -15.19
CA TYR A 14 12.20 28.35 -15.12
C TYR A 14 12.23 27.11 -14.22
N LEU A 15 13.03 26.09 -14.58
CA LEU A 15 13.00 24.83 -13.84
C LEU A 15 13.54 24.98 -12.41
N ALA A 16 14.51 25.88 -12.19
CA ALA A 16 15.00 26.08 -10.84
C ALA A 16 13.89 26.55 -9.90
N ALA A 17 13.02 27.44 -10.39
CA ALA A 17 11.91 27.92 -9.56
C ALA A 17 10.93 26.79 -9.24
N PHE A 18 10.70 25.89 -10.19
CA PHE A 18 9.73 24.81 -9.99
C PHE A 18 10.25 23.76 -9.02
N ILE A 19 11.50 23.31 -9.22
CA ILE A 19 12.06 22.25 -8.39
C ILE A 19 12.33 22.74 -6.97
N GLU A 20 12.91 23.93 -6.82
CA GLU A 20 13.12 24.43 -5.47
C GLU A 20 11.82 24.44 -4.69
N GLU A 21 10.73 24.91 -5.31
CA GLU A 21 9.44 24.91 -4.62
C GLU A 21 9.01 23.51 -4.24
N LEU A 22 9.18 22.54 -5.14
CA LEU A 22 8.88 21.15 -4.82
C LEU A 22 9.63 20.69 -3.56
N VAL A 23 10.95 20.91 -3.51
CA VAL A 23 11.76 20.44 -2.37
C VAL A 23 11.28 21.08 -1.09
N GLN A 24 11.06 22.40 -1.11
CA GLN A 24 10.63 23.11 0.08
C GLN A 24 9.22 22.73 0.51
N ALA A 25 8.41 22.20 -0.40
CA ALA A 25 7.08 21.72 -0.07
C ALA A 25 7.09 20.30 0.46
N GLY A 26 8.24 19.62 0.49
CA GLY A 26 8.31 18.36 1.21
C GLY A 26 8.81 17.18 0.41
N VAL A 27 9.14 17.40 -0.86
CA VAL A 27 9.62 16.33 -1.71
C VAL A 27 11.09 16.11 -1.39
N LYS A 28 11.42 14.92 -0.94
CA LYS A 28 12.80 14.63 -0.60
C LYS A 28 13.43 13.59 -1.51
N GLU A 29 12.66 12.97 -2.41
CA GLU A 29 13.20 11.90 -3.24
C GLU A 29 12.57 11.96 -4.61
N ALA A 30 13.39 11.85 -5.66
CA ALA A 30 12.96 11.89 -7.06
C ALA A 30 13.37 10.60 -7.76
N ILE A 31 12.39 9.87 -8.29
CA ILE A 31 12.63 8.62 -9.01
C ILE A 31 12.62 8.93 -10.50
N ILE A 32 13.81 8.94 -11.12
CA ILE A 32 14.00 9.43 -12.48
C ILE A 32 14.26 8.28 -13.44
N SER A 33 13.70 8.41 -14.65
CA SER A 33 13.97 7.51 -15.76
C SER A 33 14.73 8.23 -16.87
N PRO A 34 15.65 7.53 -17.53
CA PRO A 34 16.57 8.21 -18.45
C PRO A 34 15.91 8.56 -19.78
N GLY A 35 16.26 9.74 -20.30
CA GLY A 35 15.68 10.22 -21.55
C GLY A 35 16.43 11.42 -22.05
N SER A 36 16.16 11.79 -23.30
CA SER A 36 16.73 13.02 -23.82
C SER A 36 15.85 14.22 -23.53
N ARG A 37 14.53 14.07 -23.65
CA ARG A 37 13.63 15.20 -23.43
C ARG A 37 13.62 15.63 -21.97
N SER A 38 13.70 14.67 -21.05
CA SER A 38 13.76 14.95 -19.61
C SER A 38 15.13 15.45 -19.15
N THR A 39 16.08 15.62 -20.06
CA THR A 39 17.44 16.09 -19.71
C THR A 39 17.46 17.33 -18.83
N PRO A 40 16.75 18.41 -19.16
CA PRO A 40 16.89 19.61 -18.32
C PRO A 40 16.33 19.39 -16.93
N LEU A 41 15.20 18.68 -16.81
CA LEU A 41 14.58 18.48 -15.50
C LEU A 41 15.40 17.51 -14.66
N ALA A 42 15.93 16.45 -15.29
CA ALA A 42 16.69 15.46 -14.54
C ALA A 42 18.07 15.98 -14.12
N LEU A 43 18.69 16.81 -14.98
CA LEU A 43 19.98 17.42 -14.62
C LEU A 43 19.84 18.38 -13.44
N MET A 44 18.73 19.13 -13.38
CA MET A 44 18.54 20.13 -12.33
C MET A 44 18.18 19.47 -11.00
N MET A 45 17.44 18.36 -11.06
CA MET A 45 17.18 17.57 -9.86
C MET A 45 18.48 17.03 -9.28
N ALA A 46 19.45 16.70 -10.15
CA ALA A 46 20.77 16.28 -9.70
C ALA A 46 21.53 17.41 -9.01
N GLU A 47 21.48 18.63 -9.58
CA GLU A 47 22.19 19.75 -9.01
C GLU A 47 21.57 20.22 -7.71
N HIS A 48 20.39 19.74 -7.35
CA HIS A 48 19.86 20.07 -6.05
C HIS A 48 20.67 19.35 -4.98
N PRO A 49 21.12 20.04 -3.94
CA PRO A 49 21.91 19.39 -2.89
C PRO A 49 21.08 18.57 -1.93
N ILE A 50 19.81 18.92 -1.75
CA ILE A 50 19.00 18.23 -0.72
C ILE A 50 18.22 17.05 -1.34
N LEU A 51 17.91 17.11 -2.62
CA LEU A 51 17.04 16.07 -3.21
C LEU A 51 17.82 14.79 -3.48
N LYS A 52 17.29 13.67 -2.98
CA LYS A 52 17.90 12.35 -3.25
C LYS A 52 17.31 11.81 -4.53
N ILE A 53 18.15 11.20 -5.36
CA ILE A 53 17.69 10.67 -6.64
C ILE A 53 17.89 9.15 -6.66
N TYR A 54 16.91 8.44 -7.21
CA TYR A 54 17.03 7.02 -7.56
C TYR A 54 16.73 6.88 -9.04
N VAL A 55 17.69 6.37 -9.83
CA VAL A 55 17.48 6.13 -11.26
C VAL A 55 17.04 4.69 -11.49
N ASP A 56 15.92 4.53 -12.19
CA ASP A 56 15.43 3.22 -12.63
C ASP A 56 15.07 3.28 -14.11
N VAL A 57 15.63 2.35 -14.88
CA VAL A 57 15.48 2.42 -16.32
C VAL A 57 14.13 1.87 -16.78
N ASP A 58 13.53 0.93 -16.05
CA ASP A 58 12.18 0.48 -16.34
C ASP A 58 11.15 1.48 -15.78
N GLU A 59 10.41 2.14 -16.67
CA GLU A 59 9.48 3.16 -16.22
C GLU A 59 8.33 2.58 -15.42
N ARG A 60 7.98 1.31 -15.65
CA ARG A 60 6.93 0.67 -14.86
C ARG A 60 7.42 0.39 -13.45
N SER A 61 8.62 -0.20 -13.34
CA SER A 61 9.19 -0.47 -12.03
C SER A 61 9.54 0.83 -11.31
N ALA A 62 9.94 1.88 -12.03
CA ALA A 62 10.17 3.17 -11.39
C ALA A 62 8.92 3.67 -10.68
N GLY A 63 7.75 3.45 -11.26
CA GLY A 63 6.55 4.03 -10.70
C GLY A 63 6.15 3.34 -9.43
N PHE A 64 6.19 2.01 -9.41
CA PHE A 64 5.87 1.30 -8.19
C PHE A 64 6.93 1.48 -7.13
N PHE A 65 8.16 1.82 -7.53
CA PHE A 65 9.17 2.14 -6.54
C PHE A 65 8.84 3.45 -5.84
N ALA A 66 8.38 4.44 -6.61
CA ALA A 66 7.90 5.67 -5.98
C ALA A 66 6.65 5.38 -5.16
N LEU A 67 5.79 4.50 -5.67
CA LEU A 67 4.56 4.18 -4.96
C LEU A 67 4.87 3.71 -3.55
N GLY A 68 5.73 2.70 -3.42
CA GLY A 68 6.01 2.14 -2.11
C GLY A 68 6.78 3.07 -1.20
N LEU A 69 7.75 3.80 -1.76
CA LEU A 69 8.48 4.79 -0.98
C LEU A 69 7.53 5.87 -0.42
N ALA A 70 6.60 6.35 -1.25
CA ALA A 70 5.60 7.29 -0.76
C ALA A 70 4.58 6.61 0.17
N LYS A 71 4.28 5.33 -0.07
CA LYS A 71 3.40 4.59 0.84
C LYS A 71 3.99 4.55 2.24
N ALA A 72 5.26 4.17 2.36
CA ALA A 72 5.92 3.94 3.63
C ALA A 72 6.37 5.22 4.33
N SER A 73 6.90 6.18 3.57
CA SER A 73 7.36 7.42 4.16
C SER A 73 6.24 8.42 4.42
N LYS A 74 5.07 8.24 3.81
CA LYS A 74 3.94 9.15 3.93
C LYS A 74 4.25 10.54 3.37
N ARG A 75 5.30 10.67 2.59
CA ARG A 75 5.70 11.96 2.06
C ARG A 75 5.51 11.99 0.55
N PRO A 76 5.53 13.18 -0.08
CA PRO A 76 5.38 13.22 -1.53
C PRO A 76 6.66 12.77 -2.22
N VAL A 77 6.50 12.05 -3.33
CA VAL A 77 7.63 11.54 -4.11
C VAL A 77 7.42 11.91 -5.57
N VAL A 78 8.46 12.46 -6.20
CA VAL A 78 8.44 12.89 -7.60
C VAL A 78 8.83 11.73 -8.51
N LEU A 79 8.07 11.51 -9.57
CA LEU A 79 8.45 10.66 -10.70
C LEU A 79 8.81 11.56 -11.87
N LEU A 80 9.82 11.18 -12.65
CA LEU A 80 10.22 11.95 -13.82
C LEU A 80 10.63 11.00 -14.93
N CYS A 81 10.00 11.13 -16.10
CA CYS A 81 10.35 10.29 -17.25
C CYS A 81 10.41 11.15 -18.49
N THR A 82 10.86 10.55 -19.59
CA THR A 82 10.91 11.27 -20.85
C THR A 82 9.59 11.11 -21.60
N SER A 83 9.50 11.73 -22.77
CA SER A 83 8.29 11.63 -23.57
C SER A 83 8.19 10.27 -24.24
N GLY A 84 7.02 9.99 -24.80
CA GLY A 84 6.81 8.78 -25.54
C GLY A 84 6.17 7.72 -24.67
N THR A 85 6.33 6.47 -25.09
CA THR A 85 5.73 5.39 -24.31
C THR A 85 6.24 5.34 -22.86
N ALA A 86 7.32 6.07 -22.52
CA ALA A 86 7.79 6.05 -21.15
C ALA A 86 6.70 6.48 -20.19
N ALA A 87 6.03 7.60 -20.48
CA ALA A 87 4.94 8.05 -19.62
C ALA A 87 3.81 7.04 -19.54
N ALA A 88 3.56 6.30 -20.63
CA ALA A 88 2.49 5.30 -20.59
C ALA A 88 2.79 4.21 -19.56
N ASN A 89 4.06 3.97 -19.26
CA ASN A 89 4.42 2.90 -18.34
C ASN A 89 4.09 3.28 -16.90
N TYR A 90 4.00 4.57 -16.60
CA TYR A 90 3.61 5.03 -15.28
C TYR A 90 2.18 4.67 -14.95
N PHE A 91 1.37 4.34 -15.95
CA PHE A 91 -0.09 4.26 -15.75
C PHE A 91 -0.52 3.23 -14.70
N PRO A 92 0.06 2.03 -14.62
CA PRO A 92 -0.32 1.11 -13.52
C PRO A 92 -0.05 1.67 -12.14
N ALA A 93 1.13 2.24 -11.89
CA ALA A 93 1.36 2.83 -10.58
C ALA A 93 0.38 3.99 -10.30
N VAL A 94 0.20 4.90 -11.27
CA VAL A 94 -0.77 6.00 -11.14
C VAL A 94 -2.16 5.49 -10.73
N ALA A 95 -2.62 4.42 -11.38
CA ALA A 95 -3.94 3.88 -11.07
C ALA A 95 -4.01 3.39 -9.64
N GLU A 96 -2.91 2.82 -9.13
CA GLU A 96 -2.88 2.28 -7.77
C GLU A 96 -2.67 3.38 -6.73
N ALA A 97 -1.80 4.36 -7.04
CA ALA A 97 -1.74 5.59 -6.25
C ALA A 97 -3.10 6.26 -6.13
N ASN A 98 -3.88 6.26 -7.19
CA ASN A 98 -5.18 6.90 -7.09
C ASN A 98 -6.11 6.14 -6.15
N LEU A 99 -6.26 4.84 -6.37
CA LEU A 99 -7.15 4.05 -5.52
C LEU A 99 -6.63 3.96 -4.07
N SER A 100 -5.31 3.93 -3.88
CA SER A 100 -4.73 3.75 -2.56
C SER A 100 -4.29 5.08 -1.92
N GLN A 101 -4.57 6.20 -2.57
CA GLN A 101 -4.41 7.55 -2.02
C GLN A 101 -2.97 7.89 -1.61
N ILE A 102 -2.05 7.75 -2.55
CA ILE A 102 -0.61 7.98 -2.35
C ILE A 102 -0.22 9.27 -3.07
N PRO A 103 0.54 10.16 -2.44
CA PRO A 103 0.89 11.43 -3.10
C PRO A 103 2.09 11.31 -4.04
N LEU A 104 1.85 11.02 -5.33
CA LEU A 104 2.89 10.98 -6.35
C LEU A 104 2.77 12.22 -7.25
N ILE A 105 3.88 12.92 -7.46
CA ILE A 105 3.95 14.06 -8.38
C ILE A 105 4.57 13.55 -9.68
N VAL A 106 3.73 13.25 -10.67
CA VAL A 106 4.18 12.64 -11.92
C VAL A 106 4.58 13.73 -12.89
N LEU A 107 5.88 13.85 -13.15
CA LEU A 107 6.38 14.82 -14.11
C LEU A 107 6.75 14.07 -15.40
N THR A 108 6.18 14.49 -16.51
CA THR A 108 6.52 13.88 -17.79
C THR A 108 6.89 14.96 -18.79
N ALA A 109 8.14 14.94 -19.27
CA ALA A 109 8.56 15.82 -20.36
C ALA A 109 7.84 15.49 -21.66
N ASP A 110 7.84 16.45 -22.57
CA ASP A 110 7.12 16.34 -23.83
C ASP A 110 7.80 17.22 -24.87
N ARG A 111 7.48 16.96 -26.13
CA ARG A 111 7.94 17.83 -27.18
C ARG A 111 7.15 19.13 -27.17
N PRO A 112 7.76 20.23 -27.62
CA PRO A 112 7.04 21.50 -27.66
C PRO A 112 5.92 21.45 -28.68
N HIS A 113 5.06 22.48 -28.64
CA HIS A 113 3.83 22.46 -29.42
C HIS A 113 4.10 22.15 -30.89
N GLU A 114 5.19 22.67 -31.46
CA GLU A 114 5.46 22.44 -32.88
C GLU A 114 5.72 20.96 -33.19
N LEU A 115 6.18 20.16 -32.22
CA LEU A 115 6.41 18.73 -32.44
C LEU A 115 5.29 17.87 -31.87
N ARG A 116 4.11 18.45 -31.66
CA ARG A 116 2.99 17.74 -31.04
C ARG A 116 1.99 17.38 -32.12
N ASN A 117 1.62 16.10 -32.19
CA ASN A 117 0.61 15.58 -33.10
C ASN A 117 0.94 15.86 -34.56
N VAL A 118 2.23 15.73 -34.91
CA VAL A 118 2.71 16.03 -36.26
C VAL A 118 3.56 14.88 -36.80
N GLY A 119 3.56 13.76 -36.08
CA GLY A 119 4.42 12.65 -36.46
C GLY A 119 5.88 12.81 -36.09
N ALA A 120 6.20 13.63 -35.10
CA ALA A 120 7.59 13.75 -34.65
C ALA A 120 8.02 12.47 -33.92
N PRO A 121 9.31 12.18 -33.92
CA PRO A 121 9.80 10.97 -33.24
C PRO A 121 9.62 11.05 -31.73
N GLN A 122 9.18 9.92 -31.15
CA GLN A 122 9.06 9.77 -29.69
C GLN A 122 8.15 10.81 -29.08
N ALA A 123 7.03 11.08 -29.75
CA ALA A 123 6.10 12.09 -29.31
C ALA A 123 4.69 11.53 -29.41
N MET A 124 3.92 11.66 -28.34
CA MET A 124 2.55 11.20 -28.29
C MET A 124 1.71 12.22 -27.52
N ASP A 125 0.38 12.07 -27.61
CA ASP A 125 -0.49 12.98 -26.88
C ASP A 125 -0.37 12.70 -25.39
N GLN A 126 0.30 13.59 -24.67
CA GLN A 126 0.46 13.43 -23.24
C GLN A 126 -0.53 14.28 -22.45
N LEU A 127 -1.51 14.88 -23.15
CA LEU A 127 -2.54 15.70 -22.54
C LEU A 127 -3.57 14.82 -21.88
N HIS A 128 -3.86 15.07 -20.59
CA HIS A 128 -4.80 14.27 -19.80
C HIS A 128 -4.45 12.79 -19.95
N LEU A 129 -3.15 12.49 -19.88
CA LEU A 129 -2.69 11.14 -20.19
C LEU A 129 -3.31 10.11 -19.27
N TYR A 130 -3.41 10.42 -17.98
CA TYR A 130 -3.88 9.42 -17.03
C TYR A 130 -5.36 9.59 -16.71
N GLY A 131 -6.04 10.50 -17.40
CA GLY A 131 -7.49 10.65 -17.24
C GLY A 131 -7.92 11.01 -15.83
N SER A 132 -8.92 10.26 -15.30
CA SER A 132 -9.51 10.48 -13.99
C SER A 132 -8.69 9.88 -12.85
N HIS A 133 -7.56 9.24 -13.15
CA HIS A 133 -6.72 8.62 -12.13
C HIS A 133 -5.76 9.62 -11.50
N VAL A 134 -5.66 10.84 -12.03
CA VAL A 134 -4.98 11.92 -11.33
C VAL A 134 -6.02 12.87 -10.75
N LYS A 135 -5.60 13.54 -9.68
CA LYS A 135 -6.40 14.58 -9.05
C LYS A 135 -6.37 15.86 -9.89
N ASP A 136 -5.23 16.13 -10.52
CA ASP A 136 -5.07 17.36 -11.28
C ASP A 136 -4.08 17.06 -12.41
N PHE A 137 -4.30 17.70 -13.54
CA PHE A 137 -3.41 17.68 -14.68
C PHE A 137 -3.06 19.12 -15.05
N THR A 138 -1.82 19.34 -15.44
CA THR A 138 -1.34 20.65 -15.85
C THR A 138 -0.40 20.50 -17.03
N ASP A 139 -0.67 21.20 -18.13
CA ASP A 139 0.28 21.26 -19.25
C ASP A 139 1.04 22.58 -19.13
N MET A 140 2.27 22.50 -18.64
CA MET A 140 3.03 23.70 -18.30
C MET A 140 3.37 24.52 -19.53
N ALA A 141 3.72 25.78 -19.29
CA ALA A 141 4.14 26.64 -20.38
C ALA A 141 5.51 26.23 -20.89
N LEU A 142 5.79 26.58 -22.13
CA LEU A 142 7.16 26.60 -22.60
C LEU A 142 7.98 27.53 -21.71
N PRO A 143 9.23 27.16 -21.38
CA PRO A 143 10.01 27.92 -20.39
C PRO A 143 10.10 29.40 -20.72
N GLU A 144 9.82 30.22 -19.71
CA GLU A 144 9.97 31.68 -19.77
C GLU A 144 10.56 32.15 -18.44
N ASN A 145 11.45 33.14 -18.49
CA ASN A 145 12.08 33.66 -17.27
C ASN A 145 11.53 35.02 -16.87
N SER A 146 10.45 35.47 -17.51
CA SER A 146 9.66 36.63 -17.07
C SER A 146 9.35 36.57 -15.57
N GLU A 147 9.16 37.72 -14.93
CA GLU A 147 8.74 37.76 -13.53
C GLU A 147 7.50 36.88 -13.31
N GLU A 148 6.40 37.19 -14.01
CA GLU A 148 5.17 36.43 -13.84
C GLU A 148 5.39 34.95 -14.14
N MET A 149 6.25 34.62 -15.10
CA MET A 149 6.46 33.21 -15.43
C MET A 149 7.31 32.48 -14.38
N LEU A 150 8.23 33.18 -13.72
CA LEU A 150 8.95 32.53 -12.63
C LEU A 150 8.05 32.32 -11.42
N ARG A 151 7.10 33.24 -11.21
CA ARG A 151 6.15 33.06 -10.11
C ARG A 151 5.13 31.98 -10.43
N TYR A 152 4.80 31.82 -11.73
CA TYR A 152 3.91 30.77 -12.18
C TYR A 152 4.57 29.38 -12.04
N ALA A 153 5.86 29.27 -12.36
CA ALA A 153 6.56 28.01 -12.13
C ALA A 153 6.52 27.64 -10.65
N LYS A 154 6.88 28.58 -9.78
CA LYS A 154 6.81 28.35 -8.33
C LYS A 154 5.38 28.09 -7.86
N TRP A 155 4.42 28.86 -8.36
CA TRP A 155 3.04 28.67 -7.95
C TRP A 155 2.60 27.23 -8.20
N HIS A 156 3.01 26.65 -9.33
CA HIS A 156 2.60 25.29 -9.66
C HIS A 156 3.30 24.23 -8.83
N GLY A 157 4.58 24.43 -8.50
CA GLY A 157 5.24 23.51 -7.59
C GLY A 157 4.53 23.41 -6.26
N SER A 158 4.14 24.57 -5.71
CA SER A 158 3.43 24.56 -4.45
C SER A 158 2.05 23.93 -4.59
N ARG A 159 1.34 24.29 -5.66
CA ARG A 159 0.00 23.78 -5.89
C ARG A 159 0.01 22.27 -6.00
N ALA A 160 0.98 21.75 -6.78
CA ALA A 160 1.03 20.32 -7.08
C ALA A 160 1.19 19.49 -5.82
N VAL A 161 2.16 19.83 -4.98
CA VAL A 161 2.35 19.09 -3.74
C VAL A 161 1.10 19.19 -2.88
N ASP A 162 0.57 20.41 -2.71
CA ASP A 162 -0.57 20.62 -1.83
C ASP A 162 -1.78 19.81 -2.27
N ILE A 163 -2.07 19.78 -3.57
CA ILE A 163 -3.20 18.97 -4.01
C ILE A 163 -2.92 17.49 -3.77
N ALA A 164 -1.71 17.02 -4.11
CA ALA A 164 -1.32 15.62 -3.88
C ALA A 164 -1.49 15.23 -2.42
N MET A 165 -1.02 16.08 -1.51
CA MET A 165 -1.00 15.87 -0.06
C MET A 165 -2.35 16.13 0.62
N LYS A 166 -3.28 16.84 -0.05
CA LYS A 166 -4.56 17.18 0.53
C LYS A 166 -5.54 16.01 0.51
N THR A 167 -6.19 15.78 1.65
CA THR A 167 -7.12 14.66 1.78
C THR A 167 -8.29 14.78 0.82
N PRO A 168 -8.63 13.72 0.07
CA PRO A 168 -7.94 12.43 -0.01
C PRO A 168 -6.73 12.51 -0.93
N ARG A 169 -5.59 12.02 -0.45
CA ARG A 169 -4.35 12.18 -1.18
C ARG A 169 -4.40 11.39 -2.47
N GLY A 170 -3.62 11.82 -3.44
CA GLY A 170 -3.51 11.05 -4.66
C GLY A 170 -2.51 11.62 -5.65
N PRO A 171 -2.32 10.92 -6.76
CA PRO A 171 -1.33 11.37 -7.75
C PRO A 171 -1.73 12.65 -8.47
N VAL A 172 -0.72 13.34 -8.95
CA VAL A 172 -0.84 14.62 -9.62
C VAL A 172 0.10 14.57 -10.81
N HIS A 173 -0.27 15.20 -11.93
CA HIS A 173 0.44 15.00 -13.20
C HIS A 173 0.76 16.33 -13.85
N LEU A 174 2.05 16.65 -13.95
CA LEU A 174 2.52 17.84 -14.63
C LEU A 174 3.29 17.45 -15.90
N ASN A 175 2.88 17.98 -17.03
CA ASN A 175 3.49 17.77 -18.33
C ASN A 175 4.34 18.99 -18.70
N PHE A 176 5.56 18.75 -19.19
CA PHE A 176 6.52 19.83 -19.48
C PHE A 176 6.98 19.79 -20.94
N PRO A 177 6.35 20.56 -21.83
CA PRO A 177 6.90 20.70 -23.18
C PRO A 177 8.23 21.43 -23.11
N LEU A 178 9.23 20.87 -23.77
CA LEU A 178 10.59 21.37 -23.67
C LEU A 178 11.19 21.48 -25.05
N ARG A 179 11.62 22.68 -25.43
CA ARG A 179 12.24 22.92 -26.73
C ARG A 179 13.76 22.84 -26.61
N GLU A 180 14.41 22.34 -27.66
CA GLU A 180 15.87 22.26 -27.69
C GLU A 180 16.48 23.64 -27.93
N PRO A 181 17.72 23.87 -27.45
CA PRO A 181 18.64 22.98 -26.70
C PRO A 181 18.12 22.63 -25.32
N LEU A 182 18.50 21.47 -24.78
CA LEU A 182 17.90 21.00 -23.54
C LEU A 182 18.90 20.96 -22.40
N VAL A 183 20.11 21.47 -22.60
CA VAL A 183 21.17 21.41 -21.57
C VAL A 183 21.08 22.69 -20.74
N PRO A 184 20.76 22.60 -19.46
CA PRO A 184 20.71 23.79 -18.59
C PRO A 184 22.12 24.24 -18.19
N ILE A 185 22.16 25.30 -17.39
CA ILE A 185 23.40 25.89 -16.90
C ILE A 185 23.52 25.55 -15.42
N LEU A 186 24.33 24.55 -15.09
CA LEU A 186 24.48 24.09 -13.73
C LEU A 186 25.66 24.72 -13.00
N GLU A 187 26.45 25.55 -13.68
CA GLU A 187 27.55 26.25 -13.04
C GLU A 187 27.58 27.69 -13.54
N PRO A 188 27.34 28.69 -12.65
CA PRO A 188 27.09 28.58 -11.19
C PRO A 188 25.78 27.92 -10.83
N SER A 189 25.72 27.33 -9.64
CA SER A 189 24.61 26.47 -9.25
C SER A 189 23.30 27.24 -9.29
N PRO A 190 22.24 26.70 -9.90
CA PRO A 190 20.94 27.41 -9.91
C PRO A 190 20.30 27.57 -8.54
N PHE A 191 20.74 26.80 -7.54
CA PHE A 191 20.21 26.86 -6.18
C PHE A 191 21.28 27.37 -5.22
N THR A 192 21.45 26.68 -4.08
CA THR A 192 22.52 26.93 -3.11
C THR A 192 22.61 28.39 -2.66
N ALA A 193 21.47 29.10 -2.64
CA ALA A 193 21.44 30.51 -2.26
C ALA A 193 22.51 31.33 -3.00
N THR A 194 22.84 30.93 -4.23
CA THR A 194 23.86 31.60 -5.04
C THR A 194 23.28 32.74 -5.88
N GLY A 195 22.40 33.57 -5.30
CA GLY A 195 21.86 34.69 -6.04
C GLY A 195 20.56 35.24 -5.48
N LYS A 196 19.44 34.78 -6.03
CA LYS A 196 18.13 35.28 -5.62
C LYS A 196 17.65 34.56 -4.38
N LYS A 197 16.63 35.13 -3.74
CA LYS A 197 15.97 34.51 -2.60
C LYS A 197 14.64 33.93 -3.07
N HIS A 198 14.26 32.79 -2.51
CA HIS A 198 13.03 32.10 -2.87
C HIS A 198 11.85 32.62 -2.04
N HIS A 199 10.65 32.39 -2.57
CA HIS A 199 9.39 32.77 -1.92
C HIS A 199 8.55 31.53 -1.75
N HIS A 200 8.82 30.79 -0.69
CA HIS A 200 8.14 29.54 -0.44
C HIS A 200 6.73 29.80 0.06
N VAL A 201 5.80 28.96 -0.39
CA VAL A 201 4.39 29.08 0.00
C VAL A 201 4.15 28.13 1.15
N HIS A 202 4.08 28.66 2.37
CA HIS A 202 3.80 27.80 3.52
C HIS A 202 2.32 27.39 3.50
N ILE A 203 2.05 26.08 3.56
CA ILE A 203 0.68 25.59 3.71
C ILE A 203 0.49 25.19 5.16
N TYR A 204 -0.63 25.59 5.74
CA TYR A 204 -0.91 25.33 7.13
C TYR A 204 -1.64 24.00 7.30
N TYR A 205 -1.43 23.40 8.47
CA TYR A 205 -1.95 22.07 8.79
C TYR A 205 -3.43 22.17 9.15
N THR A 206 -4.27 21.56 8.33
CA THR A 206 -5.72 21.65 8.50
C THR A 206 -6.29 20.25 8.55
N HIS A 207 -7.39 20.09 9.27
CA HIS A 207 -8.05 18.80 9.36
C HIS A 207 -9.55 19.00 9.59
N GLU A 208 -10.34 18.08 9.01
CA GLU A 208 -11.79 18.11 9.18
C GLU A 208 -12.20 17.70 10.58
N VAL A 209 -13.35 18.22 11.02
CA VAL A 209 -13.83 18.04 12.37
C VAL A 209 -15.35 17.87 12.31
N LEU A 210 -15.88 17.03 13.21
CA LEU A 210 -17.32 16.91 13.40
C LEU A 210 -17.86 18.14 14.13
N ASP A 211 -19.00 18.64 13.66
CA ASP A 211 -19.70 19.70 14.36
C ASP A 211 -20.18 19.23 15.74
N ASP A 212 -20.43 20.19 16.62
CA ASP A 212 -20.85 19.84 17.97
C ASP A 212 -22.25 19.23 17.98
N SER A 213 -23.12 19.63 17.05
CA SER A 213 -24.41 18.95 16.94
C SER A 213 -24.25 17.52 16.47
N SER A 214 -23.33 17.29 15.51
CA SER A 214 -23.10 15.95 15.01
C SER A 214 -22.43 15.07 16.06
N ILE A 215 -21.55 15.65 16.88
CA ILE A 215 -20.92 14.91 17.98
C ILE A 215 -21.98 14.36 18.92
N GLN A 216 -22.93 15.20 19.31
CA GLN A 216 -23.94 14.75 20.27
C GLN A 216 -24.84 13.67 19.66
N LYS A 217 -25.17 13.78 18.38
CA LYS A 217 -25.94 12.73 17.69
C LYS A 217 -25.16 11.42 17.67
N MET A 218 -23.93 11.47 17.16
CA MET A 218 -23.06 10.29 17.12
C MET A 218 -23.01 9.59 18.48
N VAL A 219 -22.71 10.35 19.55
CA VAL A 219 -22.59 9.75 20.88
C VAL A 219 -23.91 9.13 21.31
N THR A 220 -25.02 9.84 21.10
CA THR A 220 -26.33 9.35 21.54
C THR A 220 -26.72 8.06 20.84
N GLU A 221 -26.61 8.01 19.51
CA GLU A 221 -27.07 6.84 18.78
C GLU A 221 -26.16 5.63 18.97
N CYS A 222 -25.00 5.81 19.60
CA CYS A 222 -24.05 4.72 19.78
C CYS A 222 -23.92 4.27 21.23
N THR A 223 -24.62 4.91 22.16
CA THR A 223 -24.49 4.54 23.56
C THR A 223 -25.26 3.26 23.84
N GLY A 224 -24.56 2.30 24.49
CA GLY A 224 -25.16 1.06 24.90
C GLY A 224 -25.52 0.12 23.77
N LYS A 225 -25.23 0.49 22.53
CA LYS A 225 -25.56 -0.38 21.40
C LYS A 225 -24.54 -1.50 21.28
N LYS A 226 -25.00 -2.67 20.85
CA LYS A 226 -24.10 -3.79 20.56
C LYS A 226 -23.31 -3.50 19.30
N GLY A 227 -22.13 -2.89 19.44
CA GLY A 227 -21.41 -2.36 18.29
C GLY A 227 -20.17 -3.10 17.86
N VAL A 228 -19.70 -2.81 16.65
CA VAL A 228 -18.56 -3.52 16.06
C VAL A 228 -17.76 -2.53 15.20
N PHE A 229 -16.44 -2.60 15.29
CA PHE A 229 -15.54 -1.80 14.47
C PHE A 229 -15.01 -2.66 13.33
N VAL A 230 -14.89 -2.06 12.16
CA VAL A 230 -14.31 -2.72 11.00
C VAL A 230 -13.22 -1.81 10.48
N VAL A 231 -11.96 -2.17 10.72
CA VAL A 231 -10.79 -1.40 10.28
C VAL A 231 -10.10 -2.20 9.19
N GLY A 232 -10.31 -1.82 7.94
CA GLY A 232 -9.61 -2.41 6.84
C GLY A 232 -8.25 -1.75 6.66
N PRO A 233 -7.65 -1.91 5.48
CA PRO A 233 -6.40 -1.22 5.19
C PRO A 233 -6.45 0.24 5.60
N ILE A 234 -5.64 0.60 6.58
CA ILE A 234 -5.54 1.98 7.06
C ILE A 234 -4.08 2.41 6.92
N ASP A 235 -3.84 3.70 7.13
CA ASP A 235 -2.50 4.22 6.84
C ASP A 235 -2.10 5.31 7.83
N LYS A 236 -3.00 6.25 8.08
CA LYS A 236 -2.79 7.28 9.10
C LYS A 236 -2.18 6.67 10.35
N LYS A 237 -0.99 7.16 10.71
CA LYS A 237 -0.21 6.48 11.74
C LYS A 237 -0.67 6.89 13.14
N GLU A 238 -0.30 6.06 14.13
CA GLU A 238 -0.62 6.27 15.54
C GLU A 238 -2.11 6.21 15.83
N LEU A 239 -2.85 5.42 15.06
CA LEU A 239 -4.24 5.19 15.37
C LEU A 239 -4.48 3.80 15.94
N GLU A 240 -3.43 3.01 16.11
CA GLU A 240 -3.61 1.65 16.62
C GLU A 240 -4.06 1.67 18.07
N GLN A 241 -3.29 2.32 18.95
CA GLN A 241 -3.68 2.36 20.36
C GLN A 241 -5.02 3.08 20.57
N PRO A 242 -5.25 4.30 20.04
CA PRO A 242 -6.55 4.97 20.30
C PRO A 242 -7.75 4.12 19.93
N MET A 243 -7.72 3.47 18.78
CA MET A 243 -8.79 2.55 18.40
C MET A 243 -8.98 1.46 19.45
N VAL A 244 -7.89 0.81 19.89
CA VAL A 244 -8.01 -0.25 20.87
C VAL A 244 -8.57 0.28 22.18
N ASP A 245 -8.17 1.51 22.55
CA ASP A 245 -8.64 2.10 23.79
C ASP A 245 -10.13 2.41 23.72
N LEU A 246 -10.61 2.98 22.62
CA LEU A 246 -12.03 3.21 22.47
C LEU A 246 -12.81 1.90 22.39
N ALA A 247 -12.23 0.85 21.83
CA ALA A 247 -12.95 -0.41 21.75
C ALA A 247 -13.13 -1.02 23.13
N LYS A 248 -12.10 -0.88 23.98
CA LYS A 248 -12.18 -1.41 25.34
C LYS A 248 -13.13 -0.59 26.21
N LYS A 249 -13.22 0.71 25.98
CA LYS A 249 -14.12 1.54 26.78
C LYS A 249 -15.58 1.45 26.33
N LEU A 250 -15.88 0.66 25.29
CA LEU A 250 -17.26 0.38 24.91
C LEU A 250 -17.63 -1.09 25.04
N GLY A 251 -16.64 -1.97 25.10
CA GLY A 251 -16.91 -3.39 25.05
C GLY A 251 -17.29 -3.86 23.65
N TRP A 252 -16.50 -3.45 22.65
CA TRP A 252 -16.78 -3.67 21.23
C TRP A 252 -15.61 -4.36 20.55
N PRO A 253 -15.85 -5.41 19.76
CA PRO A 253 -14.77 -6.06 19.03
C PRO A 253 -14.37 -5.26 17.80
N ILE A 254 -13.09 -5.31 17.45
CA ILE A 254 -12.54 -4.73 16.23
C ILE A 254 -12.19 -5.87 15.29
N LEU A 255 -12.98 -6.05 14.23
CA LEU A 255 -12.58 -6.91 13.12
C LEU A 255 -11.51 -6.16 12.31
N ALA A 256 -10.27 -6.66 12.35
CA ALA A 256 -9.09 -5.90 11.92
C ALA A 256 -8.40 -6.57 10.74
N ASP A 257 -8.23 -5.81 9.66
CA ASP A 257 -7.48 -6.33 8.54
C ASP A 257 -6.00 -6.34 8.88
N PRO A 258 -5.23 -7.29 8.32
CA PRO A 258 -3.77 -7.29 8.54
C PRO A 258 -3.12 -5.96 8.20
N LEU A 259 -3.64 -5.28 7.17
CA LEU A 259 -3.09 -4.00 6.78
C LEU A 259 -3.59 -2.85 7.63
N SER A 260 -4.32 -3.13 8.71
CA SER A 260 -4.69 -2.07 9.65
C SER A 260 -3.57 -1.73 10.63
N GLY A 261 -2.65 -2.64 10.88
CA GLY A 261 -1.64 -2.46 11.89
C GLY A 261 -2.01 -3.07 13.23
N LEU A 262 -3.29 -3.39 13.43
CA LEU A 262 -3.79 -3.85 14.72
C LEU A 262 -3.33 -5.26 15.09
N ARG A 263 -3.03 -6.10 14.11
CA ARG A 263 -2.51 -7.43 14.42
C ARG A 263 -1.03 -7.40 14.80
N SER A 264 -0.41 -6.22 14.83
CA SER A 264 1.01 -6.15 15.07
C SER A 264 1.44 -4.73 15.39
N TYR A 265 0.88 -4.16 16.45
CA TYR A 265 1.25 -2.81 16.86
C TYR A 265 2.23 -2.78 18.04
N GLY A 266 2.63 -3.93 18.56
CA GLY A 266 3.55 -3.97 19.68
C GLY A 266 2.96 -4.56 20.94
N ALA A 267 1.68 -4.90 20.97
CA ALA A 267 1.07 -5.42 22.19
C ALA A 267 -0.05 -6.36 21.80
N LEU A 268 -0.49 -7.12 22.80
CA LEU A 268 -1.60 -8.04 22.68
C LEU A 268 -2.81 -7.39 23.33
N ASP A 269 -3.98 -7.73 22.83
CA ASP A 269 -5.22 -7.16 23.36
C ASP A 269 -6.37 -8.08 23.01
N GLU A 270 -7.49 -7.87 23.71
CA GLU A 270 -8.66 -8.71 23.58
C GLU A 270 -9.67 -8.22 22.55
N VAL A 271 -9.68 -6.91 22.24
CA VAL A 271 -10.70 -6.38 21.37
C VAL A 271 -10.42 -6.72 19.88
N VAL A 272 -9.16 -6.98 19.53
CA VAL A 272 -8.84 -7.20 18.12
C VAL A 272 -9.27 -8.61 17.73
N ILE A 273 -10.07 -8.72 16.67
CA ILE A 273 -10.47 -10.01 16.11
C ILE A 273 -9.69 -10.25 14.83
N ASP A 274 -8.95 -11.38 14.77
CA ASP A 274 -8.12 -11.69 13.62
C ASP A 274 -8.51 -13.00 12.94
N GLN A 275 -9.58 -13.64 13.37
CA GLN A 275 -10.04 -14.87 12.73
C GLN A 275 -11.47 -14.75 12.18
N TYR A 276 -11.96 -13.52 11.98
CA TYR A 276 -13.30 -13.32 11.43
C TYR A 276 -13.47 -14.03 10.08
N ASP A 277 -12.46 -13.92 9.21
CA ASP A 277 -12.49 -14.63 7.92
C ASP A 277 -12.72 -16.13 8.12
N ALA A 278 -12.19 -16.68 9.21
CA ALA A 278 -12.40 -18.10 9.49
C ALA A 278 -13.85 -18.40 9.90
N PHE A 279 -14.41 -17.67 10.88
CA PHE A 279 -15.69 -18.10 11.44
C PHE A 279 -16.91 -17.38 10.88
N LEU A 280 -16.75 -16.30 10.11
CA LEU A 280 -17.95 -15.70 9.50
C LEU A 280 -18.52 -16.57 8.40
N LYS A 281 -17.91 -17.73 8.17
CA LYS A 281 -18.43 -18.67 7.18
C LYS A 281 -19.50 -19.57 7.77
N GLU A 282 -19.38 -19.94 9.06
CA GLU A 282 -20.31 -20.87 9.69
C GLU A 282 -21.63 -20.18 10.03
N ALA A 283 -22.71 -20.62 9.37
CA ALA A 283 -24.00 -19.96 9.55
C ALA A 283 -24.55 -20.18 10.96
N GLU A 284 -24.37 -21.38 11.53
CA GLU A 284 -24.95 -21.67 12.83
C GLU A 284 -24.38 -20.80 13.94
N ILE A 285 -23.30 -20.08 13.69
CA ILE A 285 -22.74 -19.14 14.66
C ILE A 285 -23.16 -17.70 14.40
N LEU A 286 -23.56 -17.36 13.17
CA LEU A 286 -23.75 -15.97 12.81
C LEU A 286 -24.89 -15.32 13.59
N ASP A 287 -25.87 -16.12 14.05
CA ASP A 287 -27.03 -15.56 14.72
C ASP A 287 -26.64 -14.89 16.04
N LYS A 288 -25.73 -15.50 16.79
CA LYS A 288 -25.30 -14.92 18.05
C LYS A 288 -24.38 -13.70 17.88
N LEU A 289 -23.93 -13.41 16.67
CA LEU A 289 -22.99 -12.32 16.40
C LEU A 289 -23.64 -11.06 15.82
N THR A 290 -24.96 -11.06 15.61
CA THR A 290 -25.63 -9.95 14.92
C THR A 290 -25.46 -8.63 15.66
N PRO A 291 -24.88 -7.61 15.04
CA PRO A 291 -24.67 -6.34 15.74
C PRO A 291 -25.83 -5.36 15.58
N GLU A 292 -25.72 -4.18 16.19
CA GLU A 292 -26.66 -3.11 15.94
C GLU A 292 -26.00 -1.89 15.35
N VAL A 293 -24.69 -1.75 15.50
CA VAL A 293 -23.92 -0.61 15.02
C VAL A 293 -22.62 -1.14 14.43
N VAL A 294 -22.31 -0.75 13.20
CA VAL A 294 -21.00 -1.00 12.61
C VAL A 294 -20.37 0.35 12.34
N ILE A 295 -19.09 0.48 12.64
CA ILE A 295 -18.34 1.69 12.36
C ILE A 295 -17.09 1.25 11.58
N ARG A 296 -17.09 1.49 10.27
CA ARG A 296 -16.01 1.09 9.37
C ARG A 296 -14.93 2.16 9.34
N PHE A 297 -13.66 1.72 9.35
CA PHE A 297 -12.50 2.60 9.17
C PHE A 297 -11.66 2.16 7.98
N GLY A 298 -11.14 3.12 7.22
CA GLY A 298 -10.33 2.75 6.09
C GLY A 298 -11.07 1.98 5.00
N SER A 299 -10.30 1.27 4.18
CA SER A 299 -10.78 0.59 2.99
C SER A 299 -11.55 -0.66 3.35
N MET A 300 -12.09 -1.32 2.32
CA MET A 300 -12.73 -2.61 2.52
C MET A 300 -11.67 -3.64 2.91
N PRO A 301 -11.88 -4.42 3.97
CA PRO A 301 -10.95 -5.50 4.29
C PRO A 301 -10.93 -6.55 3.19
N VAL A 302 -9.81 -7.30 3.16
CA VAL A 302 -9.61 -8.35 2.17
C VAL A 302 -10.68 -9.42 2.24
N SER A 303 -11.25 -9.69 3.41
CA SER A 303 -12.01 -10.91 3.61
C SER A 303 -13.31 -10.88 2.81
N LYS A 304 -13.49 -11.91 1.98
CA LYS A 304 -14.79 -12.05 1.30
C LYS A 304 -15.89 -12.46 2.25
N PRO A 305 -15.75 -13.48 3.12
CA PRO A 305 -16.85 -13.83 4.01
C PRO A 305 -17.31 -12.66 4.87
N LEU A 306 -16.38 -11.84 5.35
CA LEU A 306 -16.76 -10.67 6.12
C LEU A 306 -17.62 -9.74 5.29
N LYS A 307 -17.20 -9.46 4.05
CA LYS A 307 -17.99 -8.61 3.17
C LYS A 307 -19.41 -9.15 2.99
N ASN A 308 -19.55 -10.46 2.75
CA ASN A 308 -20.88 -11.03 2.58
C ASN A 308 -21.69 -11.03 3.85
N TRP A 309 -21.03 -10.96 4.99
CA TRP A 309 -21.75 -10.87 6.25
C TRP A 309 -22.28 -9.46 6.45
N LEU A 310 -21.40 -8.46 6.28
CA LEU A 310 -21.79 -7.05 6.36
C LEU A 310 -22.85 -6.70 5.33
N GLU A 311 -22.84 -7.38 4.19
CA GLU A 311 -23.82 -7.11 3.16
C GLU A 311 -25.22 -7.48 3.61
N GLN A 312 -25.36 -8.64 4.26
CA GLN A 312 -26.66 -9.18 4.65
C GLN A 312 -27.13 -8.66 6.01
N LEU A 313 -26.45 -7.69 6.62
CA LEU A 313 -26.93 -7.13 7.88
C LEU A 313 -28.04 -6.12 7.58
N SER A 314 -29.26 -6.44 8.01
CA SER A 314 -30.40 -5.53 7.89
C SER A 314 -30.68 -4.86 9.24
N ASP A 315 -31.33 -3.69 9.18
CA ASP A 315 -31.76 -2.95 10.37
C ASP A 315 -30.58 -2.64 11.30
N ILE A 316 -29.71 -1.75 10.84
CA ILE A 316 -28.43 -1.51 11.50
C ILE A 316 -27.96 -0.11 11.16
N ARG A 317 -27.24 0.52 12.09
CA ARG A 317 -26.61 1.80 11.80
C ARG A 317 -25.18 1.51 11.34
N PHE A 318 -24.92 1.76 10.06
CA PHE A 318 -23.63 1.44 9.45
C PHE A 318 -22.88 2.75 9.25
N TYR A 319 -22.08 3.14 10.23
CA TYR A 319 -21.26 4.32 10.07
C TYR A 319 -20.09 3.99 9.17
N VAL A 320 -19.68 4.95 8.35
CA VAL A 320 -18.45 4.80 7.59
C VAL A 320 -17.65 6.08 7.79
N VAL A 321 -16.43 5.94 8.28
CA VAL A 321 -15.56 7.09 8.52
C VAL A 321 -14.68 7.27 7.28
N ASP A 322 -15.09 8.20 6.42
CA ASP A 322 -14.43 8.52 5.15
C ASP A 322 -13.96 9.97 5.18
N PRO A 323 -12.73 10.23 5.63
CA PRO A 323 -12.21 11.60 5.55
C PRO A 323 -11.91 11.93 4.09
N GLY A 324 -12.36 13.08 3.63
CA GLY A 324 -12.14 13.43 2.25
C GLY A 324 -13.15 12.87 1.26
N ALA A 325 -14.22 12.22 1.73
CA ALA A 325 -15.41 11.93 0.90
C ALA A 325 -15.08 11.11 -0.34
N ALA A 326 -14.32 10.02 -0.15
CA ALA A 326 -13.96 9.15 -1.26
C ALA A 326 -15.05 8.15 -1.63
N TRP A 327 -15.99 7.87 -0.72
CA TRP A 327 -17.14 6.99 -0.97
C TRP A 327 -16.69 5.61 -1.46
N LYS A 328 -15.92 4.96 -0.59
CA LYS A 328 -15.46 3.59 -0.80
C LYS A 328 -16.34 2.68 0.05
N ASP A 329 -17.32 2.06 -0.60
CA ASP A 329 -18.33 1.24 0.08
C ASP A 329 -18.91 0.25 -0.91
N PRO A 330 -18.17 -0.84 -1.19
CA PRO A 330 -18.61 -1.77 -2.23
C PRO A 330 -19.88 -2.56 -1.91
N ILE A 331 -20.29 -2.65 -0.63
CA ILE A 331 -21.58 -3.29 -0.35
C ILE A 331 -22.71 -2.27 -0.37
N LYS A 332 -22.39 -0.97 -0.44
CA LYS A 332 -23.38 0.10 -0.49
C LYS A 332 -24.34 0.02 0.70
N ALA A 333 -23.79 -0.21 1.88
CA ALA A 333 -24.57 -0.43 3.08
C ALA A 333 -24.57 0.77 4.02
N VAL A 334 -23.96 1.89 3.62
CA VAL A 334 -23.75 2.99 4.56
C VAL A 334 -25.09 3.53 5.03
N THR A 335 -25.18 3.82 6.33
CA THR A 335 -26.33 4.49 6.92
C THR A 335 -25.99 5.88 7.42
N ASP A 336 -24.76 6.07 7.90
CA ASP A 336 -24.27 7.38 8.31
C ASP A 336 -22.86 7.58 7.80
N MET A 337 -22.64 8.65 7.05
CA MET A 337 -21.34 8.98 6.49
C MET A 337 -20.69 10.07 7.34
N ILE A 338 -19.46 9.83 7.80
CA ILE A 338 -18.74 10.78 8.64
C ILE A 338 -17.51 11.25 7.87
N HIS A 339 -17.47 12.54 7.57
CA HIS A 339 -16.42 13.12 6.76
C HIS A 339 -15.45 13.90 7.63
N CYS A 340 -14.71 13.20 8.48
CA CYS A 340 -13.81 13.91 9.39
C CYS A 340 -12.62 13.03 9.77
N ASP A 341 -11.62 13.69 10.34
CA ASP A 341 -10.38 13.02 10.74
C ASP A 341 -10.67 11.83 11.64
N GLU A 342 -10.02 10.70 11.34
CA GLU A 342 -10.18 9.51 12.15
C GLU A 342 -9.60 9.72 13.54
N ARG A 343 -8.43 10.35 13.62
CA ARG A 343 -7.90 10.76 14.91
C ARG A 343 -8.95 11.51 15.74
N PHE A 344 -9.57 12.54 15.15
CA PHE A 344 -10.57 13.33 15.85
C PHE A 344 -11.74 12.48 16.35
N LEU A 345 -12.24 11.58 15.51
CA LEU A 345 -13.42 10.79 15.89
C LEU A 345 -13.13 9.88 17.08
N LEU A 346 -11.99 9.16 17.04
CA LEU A 346 -11.62 8.29 18.16
C LEU A 346 -11.49 9.07 19.45
N ASP A 347 -11.12 10.35 19.35
CA ASP A 347 -10.78 11.15 20.52
C ASP A 347 -12.03 11.78 21.13
N ILE A 348 -12.94 12.30 20.29
CA ILE A 348 -14.15 12.90 20.84
C ILE A 348 -15.10 11.82 21.33
N MET A 349 -14.99 10.58 20.83
CA MET A 349 -15.79 9.51 21.42
C MET A 349 -15.15 8.93 22.66
N GLN A 350 -13.82 8.94 22.74
CA GLN A 350 -13.18 8.50 23.98
C GLN A 350 -13.59 9.38 25.15
N GLN A 351 -13.80 10.67 24.91
CA GLN A 351 -14.10 11.60 25.97
C GLN A 351 -15.58 11.88 26.14
N ASN A 352 -16.46 11.22 25.40
CA ASN A 352 -17.88 11.55 25.47
C ASN A 352 -18.75 10.31 25.64
N MET A 353 -18.35 9.19 25.04
CA MET A 353 -19.13 7.98 25.22
C MET A 353 -19.12 7.58 26.70
N PRO A 354 -20.20 6.94 27.17
CA PRO A 354 -20.26 6.51 28.57
C PRO A 354 -19.39 5.29 28.82
N ASP A 355 -18.59 5.35 29.90
CA ASP A 355 -17.77 4.20 30.30
C ASP A 355 -18.61 3.07 30.89
N ASP A 356 -19.80 3.39 31.42
CA ASP A 356 -20.63 2.38 32.08
C ASP A 356 -21.30 1.44 31.07
N ALA A 357 -21.71 1.95 29.91
CA ALA A 357 -22.44 1.16 28.93
C ALA A 357 -21.52 0.06 28.40
N LYS A 358 -21.74 -1.17 28.88
CA LYS A 358 -20.91 -2.31 28.50
C LYS A 358 -21.71 -3.59 28.73
N ASP A 359 -22.11 -4.25 27.66
CA ASP A 359 -22.68 -5.59 27.74
C ASP A 359 -21.53 -6.57 27.53
N ALA A 360 -21.03 -7.13 28.64
CA ALA A 360 -19.86 -8.00 28.53
C ALA A 360 -20.14 -9.27 27.73
N ALA A 361 -21.38 -9.74 27.70
CA ALA A 361 -21.69 -10.91 26.89
C ALA A 361 -21.40 -10.67 25.42
N TRP A 362 -21.46 -9.41 24.98
CA TRP A 362 -21.23 -9.06 23.58
C TRP A 362 -19.80 -9.33 23.18
N LEU A 363 -18.85 -8.69 23.87
CA LEU A 363 -17.46 -8.87 23.49
C LEU A 363 -17.01 -10.30 23.76
N SER A 364 -17.48 -10.88 24.87
CA SER A 364 -17.17 -12.27 25.17
C SER A 364 -17.62 -13.21 24.06
N ARG A 365 -18.70 -12.87 23.37
CA ARG A 365 -19.12 -13.67 22.22
C ARG A 365 -18.05 -13.69 21.14
N TRP A 366 -17.57 -12.49 20.76
CA TRP A 366 -16.60 -12.37 19.68
C TRP A 366 -15.25 -12.93 20.07
N THR A 367 -14.71 -12.48 21.20
CA THR A 367 -13.38 -12.90 21.62
C THR A 367 -13.28 -14.41 21.79
N SER A 368 -14.36 -15.07 22.22
CA SER A 368 -14.32 -16.52 22.45
C SER A 368 -14.08 -17.27 21.15
N TYR A 369 -15.00 -17.12 20.20
CA TYR A 369 -14.78 -17.60 18.84
C TYR A 369 -13.35 -17.33 18.36
N ASN A 370 -12.89 -16.09 18.51
CA ASN A 370 -11.56 -15.73 18.00
C ASN A 370 -10.45 -16.48 18.72
N LYS A 371 -10.43 -16.43 20.06
CA LYS A 371 -9.35 -17.08 20.80
C LYS A 371 -9.30 -18.59 20.51
N VAL A 372 -10.47 -19.22 20.35
CA VAL A 372 -10.51 -20.65 19.99
C VAL A 372 -10.05 -20.86 18.55
N ALA A 373 -10.69 -20.18 17.59
CA ALA A 373 -10.24 -20.31 16.20
C ALA A 373 -8.75 -20.02 16.08
N ARG A 374 -8.27 -18.94 16.70
CA ARG A 374 -6.87 -18.56 16.60
C ARG A 374 -5.94 -19.68 17.05
N GLU A 375 -6.28 -20.38 18.14
CA GLU A 375 -5.35 -21.37 18.66
C GLU A 375 -5.49 -22.74 17.97
N ILE A 376 -6.64 -23.01 17.35
CA ILE A 376 -6.74 -24.19 16.47
C ILE A 376 -5.91 -23.97 15.23
N VAL A 377 -5.82 -22.72 14.76
CA VAL A 377 -5.05 -22.43 13.56
C VAL A 377 -3.57 -22.51 13.86
N LEU A 378 -3.14 -21.90 14.97
CA LEU A 378 -1.75 -21.98 15.39
C LEU A 378 -1.36 -23.40 15.81
N ALA A 379 -2.34 -24.24 16.18
CA ALA A 379 -2.01 -25.62 16.51
C ALA A 379 -1.67 -26.41 15.26
N GLU A 380 -2.59 -26.44 14.29
CA GLU A 380 -2.33 -27.18 13.06
C GLU A 380 -1.04 -26.72 12.39
N MET A 381 -0.70 -25.44 12.50
CA MET A 381 0.54 -24.98 11.90
C MET A 381 1.75 -25.34 12.71
N ALA A 382 1.62 -25.45 14.05
CA ALA A 382 2.78 -25.78 14.87
C ALA A 382 3.17 -27.25 14.77
N ASN A 383 2.24 -28.11 14.37
CA ASN A 383 2.42 -29.56 14.36
C ASN A 383 2.53 -30.12 12.94
N THR A 384 3.01 -29.31 12.01
CA THR A 384 3.18 -29.72 10.63
C THR A 384 4.65 -29.58 10.28
N THR A 385 5.13 -30.45 9.40
CA THR A 385 6.48 -30.31 8.85
C THR A 385 6.47 -29.89 7.40
N ILE A 386 5.36 -30.13 6.69
CA ILE A 386 5.16 -29.66 5.32
C ILE A 386 5.12 -28.13 5.32
N LEU A 387 6.03 -27.51 4.57
CA LEU A 387 6.08 -26.04 4.47
C LEU A 387 4.99 -25.50 3.54
N GLU A 388 3.75 -25.91 3.80
CA GLU A 388 2.60 -25.36 3.09
C GLU A 388 2.46 -23.85 3.37
N GLU A 389 1.60 -23.20 2.60
CA GLU A 389 1.54 -21.74 2.63
C GLU A 389 1.13 -21.24 4.02
N GLY A 390 0.18 -21.90 4.68
CA GLY A 390 -0.14 -21.53 6.05
C GLY A 390 1.07 -21.55 6.96
N LYS A 391 1.93 -22.55 6.79
CA LYS A 391 3.10 -22.67 7.66
C LYS A 391 4.06 -21.51 7.42
N ILE A 392 4.27 -21.13 6.16
CA ILE A 392 5.20 -20.05 5.87
C ILE A 392 4.78 -18.79 6.62
N VAL A 393 3.50 -18.45 6.53
CA VAL A 393 3.02 -17.27 7.24
C VAL A 393 3.21 -17.44 8.75
N ALA A 394 2.80 -18.60 9.28
CA ALA A 394 3.06 -18.90 10.68
C ALA A 394 4.53 -18.64 11.05
N GLU A 395 5.46 -19.22 10.29
CA GLU A 395 6.87 -19.15 10.67
C GLU A 395 7.44 -17.74 10.49
N LEU A 396 6.93 -16.98 9.53
CA LEU A 396 7.39 -15.60 9.40
C LEU A 396 6.88 -14.75 10.55
N ARG A 397 5.68 -15.07 11.04
CA ARG A 397 5.12 -14.40 12.21
C ARG A 397 6.01 -14.59 13.43
N ARG A 398 6.55 -15.80 13.59
CA ARG A 398 7.42 -16.04 14.72
C ARG A 398 8.82 -15.48 14.51
N LEU A 399 9.35 -15.57 13.28
CA LEU A 399 10.76 -15.24 13.05
C LEU A 399 11.01 -13.77 12.80
N LEU A 400 9.99 -12.98 12.48
CA LEU A 400 10.21 -11.59 12.12
C LEU A 400 10.65 -10.78 13.34
N PRO A 401 11.65 -9.92 13.19
CA PRO A 401 12.06 -9.05 14.31
C PRO A 401 10.95 -8.09 14.69
N ASP A 402 11.13 -7.45 15.84
CA ASP A 402 10.37 -6.23 16.08
C ASP A 402 10.81 -5.14 15.09
N LYS A 403 9.99 -4.09 15.01
CA LYS A 403 10.25 -2.92 14.16
C LYS A 403 10.61 -3.30 12.71
N ALA A 404 9.99 -4.37 12.22
CA ALA A 404 10.24 -4.92 10.89
C ALA A 404 9.07 -4.66 9.96
N GLY A 405 9.37 -4.20 8.75
CA GLY A 405 8.34 -4.00 7.74
C GLY A 405 8.12 -5.25 6.90
N LEU A 406 6.85 -5.51 6.56
CA LEU A 406 6.47 -6.70 5.81
C LEU A 406 5.56 -6.30 4.65
N PHE A 407 6.10 -6.34 3.42
CA PHE A 407 5.29 -6.14 2.24
C PHE A 407 4.71 -7.47 1.78
N ILE A 408 3.44 -7.45 1.41
CA ILE A 408 2.71 -8.67 1.08
C ILE A 408 2.13 -8.52 -0.31
N GLY A 409 2.40 -9.50 -1.16
CA GLY A 409 1.87 -9.50 -2.50
C GLY A 409 0.41 -9.83 -2.52
N ASN A 410 -0.21 -9.56 -3.65
CA ASN A 410 -1.64 -9.81 -3.75
C ASN A 410 -1.84 -11.28 -4.07
N SER A 411 -3.05 -11.61 -4.49
CA SER A 411 -3.42 -13.01 -4.70
C SER A 411 -3.38 -13.78 -3.38
N MET A 412 -2.56 -14.82 -3.29
CA MET A 412 -2.72 -15.74 -2.17
C MET A 412 -1.93 -15.33 -0.92
N PRO A 413 -0.70 -14.81 -1.02
CA PRO A 413 -0.08 -14.25 0.19
C PRO A 413 -0.98 -13.33 1.01
N ILE A 414 -1.64 -12.32 0.40
CA ILE A 414 -2.45 -11.40 1.20
C ILE A 414 -3.61 -12.11 1.90
N ARG A 415 -4.20 -13.13 1.27
CA ARG A 415 -5.25 -13.89 1.93
C ARG A 415 -4.72 -14.80 3.04
N ASP A 416 -3.53 -15.38 2.88
CA ASP A 416 -3.02 -16.29 3.90
C ASP A 416 -2.60 -15.54 5.15
N VAL A 417 -2.07 -14.32 5.01
CA VAL A 417 -1.79 -13.52 6.19
C VAL A 417 -3.08 -13.27 6.96
N ASP A 418 -4.20 -13.08 6.24
CA ASP A 418 -5.48 -12.90 6.93
C ASP A 418 -5.84 -14.11 7.79
N THR A 419 -5.68 -15.33 7.25
CA THR A 419 -6.04 -16.54 7.97
C THR A 419 -5.00 -16.96 9.00
N TYR A 420 -3.70 -16.75 8.69
CA TYR A 420 -2.61 -17.34 9.43
C TYR A 420 -1.72 -16.30 10.08
N PHE A 421 -2.19 -15.08 10.28
CA PHE A 421 -1.43 -14.09 11.05
C PHE A 421 -2.31 -13.56 12.17
N SER A 422 -2.42 -14.32 13.26
CA SER A 422 -3.05 -13.80 14.46
C SER A 422 -2.19 -12.68 15.02
N GLN A 423 -2.74 -11.98 16.00
CA GLN A 423 -2.07 -10.81 16.57
C GLN A 423 -0.80 -11.23 17.32
N ILE A 424 0.28 -10.49 17.10
CA ILE A 424 1.55 -10.69 17.76
C ILE A 424 1.91 -9.40 18.49
N ASP A 425 2.76 -9.56 19.52
CA ASP A 425 3.24 -8.41 20.31
C ASP A 425 4.54 -7.83 19.77
N LYS A 426 4.64 -7.67 18.45
CA LYS A 426 5.71 -6.92 17.80
C LYS A 426 5.09 -5.80 16.98
N LYS A 427 5.87 -4.73 16.78
CA LYS A 427 5.52 -3.67 15.83
C LYS A 427 5.98 -4.12 14.46
N ILE A 428 5.05 -4.50 13.60
CA ILE A 428 5.37 -4.95 12.25
C ILE A 428 4.55 -4.12 11.27
N LYS A 429 5.17 -3.09 10.69
CA LYS A 429 4.48 -2.28 9.69
C LYS A 429 4.21 -3.14 8.45
N MET A 430 2.93 -3.30 8.11
CA MET A 430 2.49 -4.17 7.04
C MET A 430 1.94 -3.38 5.86
N LEU A 431 2.41 -3.68 4.66
CA LEU A 431 2.11 -2.93 3.45
C LEU A 431 1.61 -3.86 2.34
N ALA A 432 0.67 -3.37 1.53
CA ALA A 432 0.18 -4.12 0.38
C ALA A 432 -0.45 -3.15 -0.60
N ASN A 433 -0.22 -3.38 -1.89
CA ASN A 433 -0.87 -2.57 -2.92
C ASN A 433 -2.32 -3.02 -3.05
N ARG A 434 -3.19 -2.39 -2.27
CA ARG A 434 -4.57 -2.86 -2.20
C ARG A 434 -5.56 -1.93 -2.91
N GLY A 435 -5.08 -0.94 -3.64
CA GLY A 435 -5.96 -0.14 -4.48
C GLY A 435 -6.65 -0.94 -5.58
N ALA A 436 -5.91 -1.32 -6.61
CA ALA A 436 -6.46 -2.18 -7.66
C ALA A 436 -6.13 -3.65 -7.45
N ASN A 437 -5.44 -4.00 -6.36
CA ASN A 437 -5.08 -5.39 -6.05
C ASN A 437 -4.26 -6.02 -7.17
N GLY A 438 -3.35 -5.25 -7.76
CA GLY A 438 -2.52 -5.75 -8.86
C GLY A 438 -1.33 -6.58 -8.39
N ILE A 439 -1.03 -7.63 -9.17
CA ILE A 439 0.17 -8.43 -8.95
C ILE A 439 1.39 -7.85 -9.63
N ASP A 440 1.21 -6.78 -10.39
CA ASP A 440 2.33 -6.04 -10.99
C ASP A 440 2.94 -5.08 -9.97
N GLY A 441 4.26 -4.97 -9.99
CA GLY A 441 4.95 -3.94 -9.24
C GLY A 441 5.15 -4.21 -7.77
N VAL A 442 4.88 -5.42 -7.29
CA VAL A 442 5.00 -5.62 -5.85
C VAL A 442 6.47 -5.67 -5.44
N VAL A 443 7.35 -6.17 -6.32
CA VAL A 443 8.78 -6.15 -6.01
C VAL A 443 9.29 -4.71 -5.92
N SER A 444 8.94 -3.89 -6.90
CA SER A 444 9.40 -2.51 -6.87
C SER A 444 8.81 -1.74 -5.71
N SER A 445 7.56 -2.04 -5.33
CA SER A 445 6.92 -1.36 -4.21
C SER A 445 7.65 -1.67 -2.90
N ALA A 446 7.76 -2.97 -2.58
CA ALA A 446 8.51 -3.39 -1.40
C ALA A 446 9.91 -2.81 -1.37
N LEU A 447 10.52 -2.60 -2.54
CA LEU A 447 11.86 -2.04 -2.56
C LEU A 447 11.85 -0.60 -2.10
N GLY A 448 10.92 0.20 -2.63
CA GLY A 448 10.83 1.58 -2.21
C GLY A 448 10.50 1.71 -0.74
N ALA A 449 9.59 0.85 -0.24
CA ALA A 449 9.30 0.85 1.20
C ALA A 449 10.54 0.46 2.03
N SER A 450 11.42 -0.38 1.48
CA SER A 450 12.62 -0.74 2.21
C SER A 450 13.54 0.45 2.40
N VAL A 451 13.28 1.55 1.68
CA VAL A 451 14.00 2.80 1.93
C VAL A 451 13.64 3.40 3.28
N VAL A 452 12.53 2.96 3.88
CA VAL A 452 11.94 3.62 5.02
C VAL A 452 11.97 2.71 6.26
N PHE A 453 11.32 1.56 6.18
CA PHE A 453 11.41 0.58 7.25
C PHE A 453 12.50 -0.42 6.95
N GLN A 454 13.34 -0.68 7.96
CA GLN A 454 14.24 -1.82 7.94
C GLN A 454 14.13 -2.54 9.28
N PRO A 455 14.29 -3.89 9.29
CA PRO A 455 14.53 -4.76 8.14
C PRO A 455 13.24 -4.85 7.33
N MET A 456 13.36 -4.96 6.01
CA MET A 456 12.20 -5.08 5.14
C MET A 456 12.11 -6.50 4.62
N PHE A 457 10.89 -7.02 4.56
CA PHE A 457 10.60 -8.37 4.08
C PHE A 457 9.46 -8.31 3.06
N LEU A 458 9.47 -9.23 2.10
CA LEU A 458 8.45 -9.31 1.05
C LEU A 458 8.00 -10.75 0.87
N LEU A 459 6.72 -11.00 1.11
CA LEU A 459 6.11 -12.30 0.83
C LEU A 459 5.30 -12.15 -0.44
N ILE A 460 5.49 -13.06 -1.38
CA ILE A 460 4.99 -12.88 -2.74
C ILE A 460 4.91 -14.23 -3.43
N GLY A 461 3.80 -14.46 -4.15
CA GLY A 461 3.71 -15.63 -5.00
C GLY A 461 4.65 -15.53 -6.19
N ASP A 462 4.71 -16.64 -6.95
CA ASP A 462 5.74 -16.76 -7.98
C ASP A 462 5.44 -15.88 -9.19
N LEU A 463 4.19 -15.89 -9.66
CA LEU A 463 3.84 -15.10 -10.85
C LEU A 463 4.07 -13.62 -10.61
N SER A 464 3.65 -13.11 -9.46
CA SER A 464 3.88 -11.70 -9.17
C SER A 464 5.37 -11.40 -9.11
N PHE A 465 6.17 -12.32 -8.59
CA PHE A 465 7.61 -12.11 -8.55
C PHE A 465 8.19 -12.02 -9.97
N TYR A 466 7.76 -12.92 -10.86
CA TYR A 466 8.20 -12.83 -12.25
C TYR A 466 7.73 -11.53 -12.89
N HIS A 467 6.49 -11.13 -12.58
CA HIS A 467 5.88 -9.95 -13.17
C HIS A 467 6.75 -8.72 -12.95
N ASP A 468 7.45 -8.63 -11.83
CA ASP A 468 8.27 -7.45 -11.56
C ASP A 468 9.69 -7.81 -11.15
N MET A 469 10.34 -8.74 -11.86
CA MET A 469 11.73 -9.06 -11.55
C MET A 469 12.63 -7.86 -11.78
N ASN A 470 12.31 -7.03 -12.77
CA ASN A 470 13.13 -5.89 -13.10
C ASN A 470 13.33 -4.94 -11.93
N GLY A 471 12.43 -4.96 -10.94
CA GLY A 471 12.64 -4.13 -9.77
C GLY A 471 13.94 -4.45 -9.08
N LEU A 472 14.33 -5.74 -9.06
CA LEU A 472 15.57 -6.20 -8.43
C LEU A 472 16.81 -5.50 -8.97
N LEU A 473 16.76 -4.98 -10.20
CA LEU A 473 17.86 -4.17 -10.68
C LEU A 473 18.12 -2.98 -9.77
N MET A 474 17.06 -2.41 -9.19
CA MET A 474 17.24 -1.33 -8.22
C MET A 474 17.99 -1.79 -6.99
N ALA A 475 17.65 -2.99 -6.49
CA ALA A 475 18.35 -3.53 -5.33
C ALA A 475 19.84 -3.73 -5.62
N LYS A 476 20.15 -4.29 -6.80
CA LYS A 476 21.54 -4.45 -7.21
C LYS A 476 22.22 -3.08 -7.33
N LYS A 477 21.55 -2.13 -7.98
CA LYS A 477 22.15 -0.84 -8.28
C LYS A 477 22.38 -0.01 -7.02
N TYR A 478 21.42 -0.01 -6.11
CA TYR A 478 21.47 0.87 -4.95
C TYR A 478 21.84 0.16 -3.66
N LYS A 479 22.15 -1.14 -3.72
CA LYS A 479 22.58 -1.92 -2.57
C LYS A 479 21.54 -1.86 -1.45
N MET A 480 20.34 -2.33 -1.76
CA MET A 480 19.25 -2.28 -0.79
C MET A 480 19.10 -3.61 -0.07
N ASN A 481 18.42 -3.55 1.08
CA ASN A 481 18.20 -4.73 1.90
C ASN A 481 16.73 -5.12 1.86
N LEU A 482 16.47 -6.30 1.32
CA LEU A 482 15.16 -6.90 1.16
C LEU A 482 15.32 -8.41 1.28
N THR A 483 14.34 -9.05 1.90
CA THR A 483 14.36 -10.50 2.05
C THR A 483 13.06 -11.01 1.45
N ILE A 484 13.12 -11.55 0.25
CA ILE A 484 11.94 -11.95 -0.50
C ILE A 484 11.68 -13.43 -0.24
N VAL A 485 10.47 -13.76 0.22
CA VAL A 485 10.06 -15.15 0.36
C VAL A 485 9.12 -15.43 -0.80
N ILE A 486 9.59 -16.17 -1.79
CA ILE A 486 8.77 -16.52 -2.93
C ILE A 486 8.03 -17.80 -2.63
N VAL A 487 6.70 -17.75 -2.56
CA VAL A 487 5.89 -18.97 -2.45
C VAL A 487 5.64 -19.45 -3.87
N ASN A 488 6.51 -20.32 -4.35
CA ASN A 488 6.46 -20.80 -5.72
C ASN A 488 5.59 -22.06 -5.79
N ASN A 489 4.34 -21.89 -6.20
CA ASN A 489 3.44 -23.00 -6.48
C ASN A 489 3.31 -23.30 -7.98
N ASP A 490 4.17 -22.67 -8.80
CA ASP A 490 4.16 -22.75 -10.27
C ASP A 490 2.78 -22.48 -10.86
N GLY A 491 2.36 -21.23 -10.72
CA GLY A 491 1.17 -20.74 -11.38
C GLY A 491 0.36 -19.85 -10.47
N GLY A 492 -0.91 -19.69 -10.82
CA GLY A 492 -1.84 -18.94 -10.00
C GLY A 492 -2.62 -19.85 -9.07
N GLY A 493 -2.19 -19.94 -7.81
CA GLY A 493 -2.83 -20.84 -6.89
C GLY A 493 -4.21 -20.38 -6.47
N ILE A 494 -4.45 -19.07 -6.50
CA ILE A 494 -5.73 -18.52 -6.12
C ILE A 494 -6.84 -19.07 -6.99
N PHE A 495 -6.53 -19.57 -8.19
CA PHE A 495 -7.59 -19.98 -9.11
C PHE A 495 -8.10 -21.38 -8.82
N SER A 496 -7.36 -22.19 -8.06
CA SER A 496 -7.85 -23.50 -7.63
C SER A 496 -9.05 -23.41 -6.69
N PHE A 497 -9.20 -22.29 -5.98
CA PHE A 497 -10.37 -22.11 -5.13
C PHE A 497 -11.63 -21.74 -5.92
N LEU A 498 -11.49 -20.95 -7.00
CA LEU A 498 -12.66 -20.47 -7.74
C LEU A 498 -13.31 -21.61 -8.52
N PRO A 499 -14.59 -21.44 -8.91
CA PRO A 499 -15.31 -22.53 -9.57
C PRO A 499 -14.79 -22.91 -10.96
N GLN A 500 -13.82 -22.18 -11.52
CA GLN A 500 -13.29 -22.59 -12.80
C GLN A 500 -12.31 -23.74 -12.71
N ALA A 501 -11.98 -24.17 -11.49
CA ALA A 501 -11.02 -25.26 -11.30
C ALA A 501 -11.66 -26.64 -11.47
N ASN A 502 -12.99 -26.72 -11.63
CA ASN A 502 -13.66 -28.00 -11.82
C ASN A 502 -13.44 -28.54 -13.24
N GLU A 503 -13.57 -27.68 -14.24
CA GLU A 503 -13.37 -28.07 -15.64
C GLU A 503 -11.89 -28.01 -15.99
N PRO A 504 -11.25 -29.15 -16.21
CA PRO A 504 -9.79 -29.15 -16.43
C PRO A 504 -9.36 -28.97 -17.88
N LYS A 505 -10.29 -28.94 -18.84
CA LYS A 505 -9.90 -28.90 -20.25
C LYS A 505 -9.10 -27.64 -20.55
N TYR A 506 -9.66 -26.46 -20.24
CA TYR A 506 -9.04 -25.19 -20.54
C TYR A 506 -8.36 -24.54 -19.35
N PHE A 507 -8.34 -25.22 -18.19
CA PHE A 507 -7.56 -24.77 -17.06
C PHE A 507 -6.08 -24.87 -17.40
N GLU A 508 -5.24 -24.47 -16.45
CA GLU A 508 -3.78 -24.56 -16.60
C GLU A 508 -3.24 -23.69 -17.73
N SER A 509 -3.82 -23.80 -18.93
CA SER A 509 -3.46 -22.86 -19.99
C SER A 509 -3.86 -21.45 -19.59
N LEU A 510 -5.09 -21.28 -19.07
CA LEU A 510 -5.61 -19.99 -18.60
C LEU A 510 -5.30 -19.71 -17.14
N PHE A 511 -6.15 -20.22 -16.24
CA PHE A 511 -5.94 -20.03 -14.80
C PHE A 511 -4.92 -21.04 -14.32
N GLY A 512 -3.95 -20.59 -13.53
CA GLY A 512 -2.91 -21.48 -13.07
C GLY A 512 -1.87 -21.77 -14.14
N THR A 513 -1.14 -20.73 -14.53
CA THR A 513 -0.20 -20.77 -15.66
C THR A 513 1.13 -21.38 -15.23
N SER A 514 1.33 -22.67 -15.51
CA SER A 514 2.61 -23.31 -15.20
C SER A 514 3.72 -22.55 -15.91
N THR A 515 4.77 -22.23 -15.18
CA THR A 515 5.81 -21.34 -15.68
C THR A 515 7.16 -22.02 -15.78
N GLU A 516 7.52 -22.80 -14.78
CA GLU A 516 8.66 -23.71 -14.84
C GLU A 516 9.99 -22.96 -14.96
N LEU A 517 10.13 -21.89 -14.19
CA LEU A 517 11.36 -21.11 -14.14
C LEU A 517 12.15 -21.45 -12.88
N ASP A 518 13.44 -21.71 -13.05
CA ASP A 518 14.32 -21.91 -11.89
C ASP A 518 14.75 -20.54 -11.41
N PHE A 519 14.14 -20.07 -10.31
CA PHE A 519 14.43 -18.75 -9.79
C PHE A 519 15.83 -18.63 -9.20
N ARG A 520 16.54 -19.77 -9.02
CA ARG A 520 17.98 -19.70 -8.73
C ARG A 520 18.68 -18.81 -9.74
N PHE A 521 18.37 -19.01 -11.04
CA PHE A 521 19.03 -18.23 -12.09
C PHE A 521 18.71 -16.73 -11.99
N ALA A 522 17.45 -16.39 -11.68
CA ALA A 522 17.09 -14.98 -11.52
C ALA A 522 17.79 -14.34 -10.33
N ALA A 523 18.13 -15.13 -9.30
CA ALA A 523 18.85 -14.57 -8.16
C ALA A 523 20.31 -14.31 -8.49
N ALA A 524 20.92 -15.16 -9.32
CA ALA A 524 22.29 -14.86 -9.72
C ALA A 524 22.31 -13.63 -10.62
N PHE A 525 21.28 -13.47 -11.45
CA PHE A 525 21.24 -12.33 -12.34
C PHE A 525 21.31 -11.03 -11.56
N TYR A 526 20.60 -10.95 -10.42
CA TYR A 526 20.56 -9.72 -9.63
C TYR A 526 21.47 -9.76 -8.40
N ASP A 527 22.43 -10.69 -8.37
CA ASP A 527 23.43 -10.79 -7.29
C ASP A 527 22.76 -10.94 -5.92
N ALA A 528 21.81 -11.86 -5.83
CA ALA A 528 21.01 -12.05 -4.62
C ALA A 528 21.37 -13.35 -3.94
N ASP A 529 21.61 -13.33 -2.63
CA ASP A 529 21.80 -14.60 -1.93
C ASP A 529 20.50 -15.40 -2.06
N TYR A 530 20.59 -16.59 -2.62
CA TYR A 530 19.43 -17.45 -2.84
C TYR A 530 19.47 -18.64 -1.88
N HIS A 531 18.32 -18.92 -1.28
CA HIS A 531 18.08 -20.06 -0.41
C HIS A 531 16.80 -20.74 -0.87
N GLU A 532 16.77 -22.07 -0.84
CA GLU A 532 15.55 -22.83 -1.09
C GLU A 532 15.19 -23.58 0.18
N ALA A 533 14.01 -23.31 0.74
CA ALA A 533 13.54 -23.98 1.95
C ALA A 533 12.72 -25.21 1.59
N LYS A 534 13.13 -26.36 2.13
CA LYS A 534 12.39 -27.62 2.05
C LYS A 534 11.75 -28.01 3.37
N SER A 535 12.41 -27.74 4.48
CA SER A 535 11.93 -28.07 5.82
C SER A 535 11.68 -26.80 6.60
N VAL A 536 11.21 -26.97 7.83
CA VAL A 536 10.96 -25.82 8.68
C VAL A 536 12.28 -25.16 9.11
N ASP A 537 13.28 -25.97 9.52
CA ASP A 537 14.54 -25.37 9.97
C ASP A 537 15.38 -24.85 8.81
N GLU A 538 15.16 -25.36 7.59
CA GLU A 538 15.79 -24.76 6.43
C GLU A 538 15.38 -23.30 6.29
N LEU A 539 14.09 -23.02 6.46
CA LEU A 539 13.63 -21.65 6.36
C LEU A 539 14.18 -20.80 7.50
N GLU A 540 14.18 -21.36 8.73
CA GLU A 540 14.75 -20.65 9.88
C GLU A 540 16.19 -20.22 9.62
N GLU A 541 17.00 -21.13 9.08
CA GLU A 541 18.39 -20.83 8.74
C GLU A 541 18.47 -19.64 7.79
N ALA A 542 17.58 -19.61 6.78
CA ALA A 542 17.66 -18.61 5.73
C ALA A 542 17.28 -17.22 6.26
N ILE A 543 16.12 -17.12 6.93
CA ILE A 543 15.76 -15.85 7.58
C ILE A 543 16.90 -15.38 8.47
N ASP A 544 17.56 -16.33 9.13
CA ASP A 544 18.69 -16.02 10.01
C ASP A 544 19.88 -15.50 9.23
N LYS A 545 20.33 -16.25 8.20
CA LYS A 545 21.39 -15.76 7.33
C LYS A 545 21.02 -14.41 6.71
N ALA A 546 19.75 -14.24 6.34
CA ALA A 546 19.26 -13.00 5.74
C ALA A 546 19.38 -11.81 6.68
N SER A 547 19.40 -12.06 7.99
CA SER A 547 19.52 -10.99 8.97
C SER A 547 20.95 -10.45 9.07
N TYR A 548 21.96 -11.28 8.78
N TYR A 548 21.95 -11.30 8.80
CA TYR A 548 23.32 -10.74 8.69
CA TYR A 548 23.32 -10.81 8.69
C TYR A 548 23.57 -10.05 7.37
C TYR A 548 23.53 -10.04 7.39
N HIS A 549 22.98 -10.55 6.28
CA HIS A 549 23.19 -9.94 4.97
C HIS A 549 22.45 -8.61 4.87
N LYS A 550 23.22 -7.52 4.77
CA LYS A 550 22.71 -6.21 4.34
C LYS A 550 22.71 -6.26 2.81
N GLY A 551 21.61 -6.74 2.24
CA GLY A 551 21.53 -6.90 0.81
C GLY A 551 20.31 -7.70 0.42
N LEU A 552 20.29 -8.12 -0.84
CA LEU A 552 19.11 -8.77 -1.40
C LEU A 552 19.22 -10.28 -1.17
N ASP A 553 18.23 -10.83 -0.48
CA ASP A 553 18.13 -12.27 -0.26
C ASP A 553 16.81 -12.74 -0.83
N ILE A 554 16.78 -13.97 -1.34
CA ILE A 554 15.60 -14.52 -1.98
C ILE A 554 15.44 -15.95 -1.51
N ILE A 555 14.28 -16.28 -0.97
CA ILE A 555 14.07 -17.56 -0.31
C ILE A 555 12.85 -18.23 -0.93
N GLU A 556 13.09 -19.29 -1.70
CA GLU A 556 12.03 -20.00 -2.40
C GLU A 556 11.50 -21.17 -1.57
N VAL A 557 10.19 -21.36 -1.62
CA VAL A 557 9.51 -22.45 -0.94
C VAL A 557 8.55 -23.04 -1.96
N LYS A 558 8.90 -24.17 -2.54
CA LYS A 558 8.02 -24.78 -3.52
C LYS A 558 6.81 -25.38 -2.82
N THR A 559 5.61 -25.06 -3.31
CA THR A 559 4.36 -25.62 -2.78
C THR A 559 3.52 -26.17 -3.92
N ASN A 560 2.59 -27.05 -3.57
CA ASN A 560 1.70 -27.69 -4.53
C ASN A 560 0.40 -26.91 -4.59
N ARG A 561 0.00 -26.50 -5.79
CA ARG A 561 -1.21 -25.70 -5.97
C ARG A 561 -2.47 -26.51 -5.69
N HIS A 562 -2.47 -27.79 -6.04
CA HIS A 562 -3.68 -28.59 -6.07
C HIS A 562 -4.03 -29.20 -4.71
N GLU A 563 -3.18 -29.02 -3.71
CA GLU A 563 -3.42 -29.43 -2.33
C GLU A 563 -3.88 -28.27 -1.45
N ASN A 564 -3.67 -27.02 -1.89
CA ASN A 564 -3.98 -25.83 -1.09
C ASN A 564 -5.44 -25.78 -0.68
N LYS A 565 -6.35 -26.13 -1.59
CA LYS A 565 -7.77 -26.08 -1.25
C LYS A 565 -8.09 -27.10 -0.16
N ALA A 566 -7.47 -28.28 -0.22
CA ALA A 566 -7.74 -29.31 0.78
C ALA A 566 -7.30 -28.86 2.18
N ASN A 567 -6.04 -28.40 2.33
CA ASN A 567 -5.57 -27.95 3.64
C ASN A 567 -6.40 -26.80 4.18
N HIS A 568 -6.84 -25.89 3.31
CA HIS A 568 -7.65 -24.76 3.77
C HIS A 568 -9.05 -25.21 4.16
N GLN A 569 -9.60 -26.19 3.45
CA GLN A 569 -10.94 -26.63 3.80
C GLN A 569 -10.90 -27.47 5.08
N ALA A 570 -9.91 -28.36 5.19
CA ALA A 570 -9.73 -29.18 6.38
C ALA A 570 -9.58 -28.31 7.63
N LEU A 571 -8.77 -27.26 7.55
CA LEU A 571 -8.57 -26.38 8.70
C LEU A 571 -9.84 -25.59 9.04
N TRP A 572 -10.54 -25.05 8.03
CA TRP A 572 -11.74 -24.28 8.30
C TRP A 572 -12.84 -25.15 8.92
N ALA A 573 -12.86 -26.43 8.58
CA ALA A 573 -13.85 -27.31 9.19
C ALA A 573 -13.54 -27.57 10.66
N LYS A 574 -12.25 -27.76 10.98
CA LYS A 574 -11.86 -27.89 12.38
C LYS A 574 -12.27 -26.69 13.20
N ILE A 575 -12.20 -25.49 12.62
CA ILE A 575 -12.64 -24.28 13.31
C ILE A 575 -14.15 -24.19 13.36
N ALA A 576 -14.82 -24.62 12.29
CA ALA A 576 -16.28 -24.53 12.28
C ALA A 576 -16.90 -25.54 13.24
N ASP A 577 -16.37 -26.76 13.23
CA ASP A 577 -16.94 -27.81 14.08
C ASP A 577 -16.73 -27.49 15.55
N ALA A 578 -15.52 -27.02 15.91
CA ALA A 578 -15.27 -26.58 17.27
C ALA A 578 -16.25 -25.50 17.70
N LEU A 579 -16.31 -24.42 16.92
CA LEU A 579 -17.13 -23.28 17.30
C LEU A 579 -18.61 -23.64 17.29
N LYS A 580 -19.02 -24.65 16.51
CA LYS A 580 -20.43 -25.03 16.44
C LYS A 580 -20.96 -25.57 17.76
N ALA A 581 -20.10 -26.13 18.61
CA ALA A 581 -20.57 -26.73 19.85
C ALA A 581 -19.98 -25.99 21.04
N LEU A 582 -20.15 -24.68 21.09
CA LEU A 582 -19.40 -23.90 22.06
C LEU A 582 -20.29 -23.03 22.92
N ASN A 583 -21.44 -23.53 23.31
CA ASN A 583 -22.29 -22.85 24.29
C ASN A 583 -23.22 -23.82 25.02
S1 TD6 B . -4.09 -13.45 -8.87
C2 TD6 B . -5.03 -12.31 -9.65
N3 TD6 B . -4.68 -12.22 -10.96
C4 TD6 B . -3.64 -13.13 -11.29
C5 TD6 B . -3.20 -13.90 -10.21
C6 TD6 B . -2.16 -14.96 -10.10
C7 TD6 B . -1.10 -14.54 -9.10
O7 TD6 B . -0.19 -15.65 -8.88
PA TD6 B . 0.93 -15.55 -7.75
PB TD6 B . -0.60 -17.30 -5.93
N1' TD6 B . -3.03 -8.95 -13.87
C11 TD6 B . -6.10 -11.51 -8.95
C13 TD6 B . -6.63 -10.20 -6.90
O1A TD6 B . 1.46 -14.15 -7.67
O1B TD6 B . 0.15 -17.81 -4.70
C2' TD6 B . -2.68 -8.08 -12.91
O2A TD6 B . 1.89 -16.66 -8.03
O2B TD6 B . -0.49 -18.22 -7.12
N3' TD6 B . -3.11 -8.16 -11.65
O3A TD6 B . 0.11 -15.93 -6.41
O3B TD6 B . -2.04 -16.95 -5.64
C4' TD6 B . -3.93 -9.16 -11.32
N4' TD6 B . -4.33 -9.21 -10.04
C5' TD6 B . -4.35 -10.13 -12.27
C6' TD6 B . -3.85 -9.95 -13.55
C7' TD6 B . -5.27 -11.29 -11.93
OL1 TD6 B . -7.36 -12.20 -9.00
OL2 TD6 B . -7.39 -9.39 -4.80
OL3 TD6 B . -5.48 -10.50 -4.81
CLB TD6 B . -5.69 -11.22 -7.51
CLC TD6 B . -6.49 -10.02 -5.40
CM2 TD6 B . -1.78 -6.96 -13.27
CM4 TD6 B . -3.09 -13.21 -12.68
MG MG C . 2.03 -18.64 -7.07
MG MG D . 22.84 15.96 -5.86
#